data_4OIK
#
_entry.id   4OIK
#
_cell.length_a   45.410
_cell.length_b   51.680
_cell.length_c   51.330
_cell.angle_alpha   111.23
_cell.angle_beta   106.33
_cell.angle_gamma   108.68
#
_symmetry.space_group_name_H-M   'P 1'
#
loop_
_entity.id
_entity.type
_entity.pdbx_description
1 polymer 'C-C motif chemokine 1'
2 polymer D-Ser-CCL1
3 non-polymer 2-acetamido-2-deoxy-beta-D-glucopyranose
4 non-polymer 'SULFATE ION'
5 non-polymer 'CITRIC ACID'
6 water water
#
loop_
_entity_poly.entity_id
_entity_poly.type
_entity_poly.pdbx_seq_one_letter_code
_entity_poly.pdbx_strand_id
1 'polypeptide(L)' SKSMQVPFSRCCFSFAEQEIPLRAILCYRNTSSICSNEGLIFKLKRGKEACALDTVGWVQRHRKMLRHCPSKRK A,B
2 'polypeptide(D)'
;(DSN)(DLY)(DSN)(MED)(DGN)(DVA)(DPR)(DPN)(DSN)(DAR)(DCY)(DCY)(DPN)(DSN)(DPN)(DAL)
(DGL)(DGN)(DGL)(DIL)(DPR)(DLE)(DAR)(DAL)(DIL)(DLE)(DCY)(DTY)(DAR)(DSG)(DTH)(DSN)
(DSN)(DIL)(DCY)(DSN)(DSG)(DGL)G(DLE)(DIL)(DPN)(DLY)(DLE)(DLY)(DAR)G(DLY)(DGL)
(DAL)(DCY)(DAL)(DLE)(DAS)(DTH)(DVA)G(DTR)(DVA)(DGN)(DAR)(DHI)(DAR)(DLY)(MED)
(DLE)(DAR)(DHI)(DCY)(DPR)(DSN)(DLY)(DAR)(DLY)
;
C,D
#
loop_
_chem_comp.id
_chem_comp.type
_chem_comp.name
_chem_comp.formula
CIT non-polymer 'CITRIC ACID' 'C6 H8 O7'
NAG D-saccharide, beta linking 2-acetamido-2-deoxy-beta-D-glucopyranose 'C8 H15 N O6'
SO4 non-polymer 'SULFATE ION' 'O4 S -2'
#
# COMPACT_ATOMS: atom_id res chain seq x y z
N SER A 1 -29.76 -6.36 -21.14
CA SER A 1 -28.75 -5.89 -20.19
C SER A 1 -29.06 -6.39 -18.76
N LYS A 2 -28.45 -7.52 -18.37
CA LYS A 2 -28.64 -8.13 -17.05
C LYS A 2 -27.89 -7.35 -15.97
N SER A 3 -28.65 -6.76 -15.01
CA SER A 3 -28.11 -5.98 -13.91
C SER A 3 -28.76 -6.21 -12.54
N MET A 4 -28.37 -7.34 -11.91
CA MET A 4 -28.70 -7.74 -10.54
C MET A 4 -27.45 -7.38 -9.76
N GLN A 5 -26.48 -6.80 -10.50
CA GLN A 5 -25.13 -6.40 -10.13
C GLN A 5 -24.92 -5.18 -9.23
N VAL A 6 -24.00 -5.35 -8.30
CA VAL A 6 -23.49 -4.37 -7.33
C VAL A 6 -21.98 -4.70 -7.28
N PRO A 7 -21.27 -4.19 -8.32
CA PRO A 7 -19.87 -4.54 -8.50
C PRO A 7 -18.97 -4.34 -7.33
N PHE A 8 -17.87 -5.09 -7.31
CA PHE A 8 -16.88 -4.92 -6.27
C PHE A 8 -16.05 -3.72 -6.71
N SER A 9 -15.30 -3.16 -5.78
CA SER A 9 -14.46 -2.01 -6.04
C SER A 9 -13.04 -2.51 -6.21
N ARG A 10 -12.29 -1.88 -7.12
CA ARG A 10 -10.87 -2.24 -7.26
C ARG A 10 -10.12 -1.20 -6.49
N CYS A 11 -9.39 -1.62 -5.45
CA CYS A 11 -8.64 -0.71 -4.57
C CYS A 11 -7.19 -1.03 -4.54
N CYS A 12 -6.42 -0.01 -4.23
CA CYS A 12 -4.99 -0.10 -4.09
C CYS A 12 -4.59 0.38 -2.71
N PHE A 13 -4.31 -0.58 -1.81
CA PHE A 13 -3.85 -0.24 -0.46
C PHE A 13 -2.32 -0.41 -0.26
N SER A 14 -1.63 -1.14 -1.15
CA SER A 14 -0.18 -1.36 -1.10
C SER A 14 0.33 -0.89 -2.48
N PHE A 15 1.53 -0.25 -2.59
CA PHE A 15 1.98 0.25 -3.91
C PHE A 15 3.34 -0.21 -4.37
N ALA A 16 3.56 -0.19 -5.69
CA ALA A 16 4.83 -0.57 -6.28
C ALA A 16 5.92 0.41 -5.83
N GLU A 17 6.90 -0.10 -5.11
CA GLU A 17 8.07 0.65 -4.67
C GLU A 17 9.00 0.84 -5.88
N GLN A 18 9.46 -0.27 -6.49
CA GLN A 18 10.33 -0.26 -7.66
C GLN A 18 9.57 0.07 -8.93
N GLU A 19 10.15 0.96 -9.74
CA GLU A 19 9.62 1.39 -11.03
C GLU A 19 9.48 0.16 -11.94
N ILE A 20 8.28 -0.01 -12.51
CA ILE A 20 7.95 -1.08 -13.46
C ILE A 20 8.29 -0.52 -14.85
N PRO A 21 9.02 -1.27 -15.72
CA PRO A 21 9.32 -0.74 -17.06
C PRO A 21 8.06 -0.57 -17.92
N LEU A 22 7.96 0.56 -18.65
CA LEU A 22 6.85 0.89 -19.55
C LEU A 22 6.52 -0.27 -20.51
N ARG A 23 7.56 -0.90 -21.09
CA ARG A 23 7.47 -2.05 -22.01
C ARG A 23 6.71 -3.25 -21.43
N ALA A 24 6.73 -3.38 -20.10
CA ALA A 24 6.10 -4.47 -19.35
C ALA A 24 4.60 -4.23 -19.09
N ILE A 25 4.09 -3.01 -19.44
CA ILE A 25 2.73 -2.55 -19.18
C ILE A 25 1.93 -2.41 -20.48
N LEU A 26 0.66 -2.87 -20.45
CA LEU A 26 -0.26 -2.78 -21.58
C LEU A 26 -1.12 -1.52 -21.52
N CYS A 27 -1.67 -1.23 -20.34
CA CYS A 27 -2.56 -0.09 -20.10
C CYS A 27 -2.72 0.11 -18.60
N TYR A 28 -3.51 1.10 -18.21
CA TYR A 28 -3.80 1.32 -16.81
C TYR A 28 -5.32 1.33 -16.52
N ARG A 29 -5.71 1.01 -15.28
CA ARG A 29 -7.07 1.11 -14.77
C ARG A 29 -7.04 2.10 -13.62
N ASN A 30 -8.08 2.95 -13.51
CA ASN A 30 -8.19 3.88 -12.37
C ASN A 30 -8.84 3.08 -11.25
N THR A 31 -8.52 3.32 -9.98
CA THR A 31 -9.15 2.57 -8.89
C THR A 31 -10.57 3.11 -8.67
N SER A 32 -11.42 2.36 -7.96
CA SER A 32 -12.79 2.81 -7.71
C SER A 32 -12.78 4.07 -6.85
N SER A 33 -13.67 5.03 -7.19
CA SER A 33 -13.80 6.34 -6.53
C SER A 33 -14.08 6.29 -5.04
N ILE A 34 -14.65 5.19 -4.57
CA ILE A 34 -14.94 5.01 -3.15
C ILE A 34 -13.68 4.85 -2.32
N CYS A 35 -12.64 4.19 -2.87
CA CYS A 35 -11.39 3.88 -2.19
C CYS A 35 -10.20 4.44 -2.97
N SER A 36 -10.44 5.46 -3.84
CA SER A 36 -9.46 6.08 -4.75
C SER A 36 -7.99 6.10 -4.27
N ASN A 37 -7.70 6.91 -3.23
CA ASN A 37 -6.40 7.09 -2.58
C ASN A 37 -5.19 7.41 -3.48
N GLU A 38 -5.45 7.99 -4.67
CA GLU A 38 -4.43 8.37 -5.65
C GLU A 38 -3.62 7.19 -6.22
N GLY A 39 -4.17 6.00 -6.07
CA GLY A 39 -3.57 4.81 -6.62
C GLY A 39 -3.99 4.71 -8.08
N LEU A 40 -3.19 3.95 -8.83
CA LEU A 40 -3.39 3.63 -10.23
C LEU A 40 -3.15 2.13 -10.34
N ILE A 41 -3.77 1.48 -11.33
CA ILE A 41 -3.53 0.05 -11.55
C ILE A 41 -2.92 -0.11 -12.96
N PHE A 42 -1.71 -0.66 -13.06
CA PHE A 42 -1.09 -0.92 -14.35
C PHE A 42 -1.35 -2.37 -14.64
N LYS A 43 -1.88 -2.64 -15.84
CA LYS A 43 -2.15 -3.98 -16.34
C LYS A 43 -0.84 -4.47 -16.93
N LEU A 44 -0.31 -5.57 -16.39
CA LEU A 44 0.94 -6.14 -16.89
C LEU A 44 0.61 -7.32 -17.82
N LYS A 45 1.64 -8.01 -18.30
CA LYS A 45 1.54 -9.18 -19.16
C LYS A 45 1.13 -10.43 -18.37
N ARG A 46 0.58 -11.43 -19.08
CA ARG A 46 0.09 -12.71 -18.55
C ARG A 46 -0.86 -12.55 -17.33
N GLY A 47 -1.85 -11.66 -17.46
CA GLY A 47 -2.89 -11.41 -16.48
C GLY A 47 -2.54 -10.64 -15.22
N LYS A 48 -1.22 -10.41 -14.98
CA LYS A 48 -0.71 -9.70 -13.80
C LYS A 48 -1.09 -8.21 -13.79
N GLU A 49 -1.07 -7.62 -12.59
CA GLU A 49 -1.40 -6.20 -12.34
C GLU A 49 -0.54 -5.61 -11.23
N ALA A 50 -0.43 -4.28 -11.19
CA ALA A 50 0.33 -3.65 -10.12
C ALA A 50 -0.24 -2.30 -9.74
N CYS A 51 -0.45 -2.09 -8.43
CA CYS A 51 -0.88 -0.81 -7.88
C CYS A 51 0.31 0.13 -7.86
N ALA A 52 0.10 1.37 -8.25
CA ALA A 52 1.17 2.37 -8.30
C ALA A 52 0.54 3.65 -7.80
N LEU A 53 1.28 4.43 -7.02
CA LEU A 53 0.79 5.67 -6.40
C LEU A 53 1.07 6.84 -7.33
N ASP A 54 0.00 7.49 -7.79
CA ASP A 54 0.03 8.58 -8.78
C ASP A 54 0.66 9.90 -8.32
N THR A 55 1.16 9.95 -7.08
CA THR A 55 1.85 11.16 -6.58
C THR A 55 3.35 11.04 -6.86
N VAL A 56 3.81 9.86 -7.35
CA VAL A 56 5.20 9.53 -7.68
C VAL A 56 5.44 9.79 -9.17
N GLY A 57 6.57 10.39 -9.51
CA GLY A 57 6.97 10.77 -10.86
C GLY A 57 6.88 9.72 -11.95
N TRP A 58 7.56 8.57 -11.78
CA TRP A 58 7.55 7.50 -12.78
C TRP A 58 6.15 6.98 -13.08
N VAL A 59 5.24 7.02 -12.09
CA VAL A 59 3.87 6.59 -12.27
C VAL A 59 3.13 7.59 -13.18
N GLN A 60 3.34 8.90 -12.95
CA GLN A 60 2.76 9.98 -13.72
C GLN A 60 3.27 9.94 -15.15
N ARG A 61 4.60 9.76 -15.31
CA ARG A 61 5.25 9.70 -16.61
C ARG A 61 4.79 8.50 -17.42
N HIS A 62 4.64 7.33 -16.79
CA HIS A 62 4.15 6.10 -17.43
C HIS A 62 2.69 6.28 -17.81
N ARG A 63 1.84 6.76 -16.86
CA ARG A 63 0.40 6.97 -17.10
C ARG A 63 0.17 7.80 -18.36
N LYS A 64 0.97 8.86 -18.56
CA LYS A 64 0.91 9.77 -19.71
C LYS A 64 1.29 9.07 -21.04
N MET A 65 1.88 7.86 -20.97
CA MET A 65 2.34 7.09 -22.14
C MET A 65 1.50 5.85 -22.48
N LEU A 66 0.39 5.65 -21.76
CA LEU A 66 -0.46 4.49 -21.91
C LEU A 66 -1.91 4.93 -22.00
N ARG A 67 -2.77 4.07 -22.57
CA ARG A 67 -4.20 4.31 -22.66
C ARG A 67 -4.90 3.58 -21.48
N HIS A 68 -6.19 3.86 -21.22
CA HIS A 68 -7.00 3.21 -20.20
C HIS A 68 -7.34 1.79 -20.67
N CYS A 69 -7.40 0.81 -19.76
CA CYS A 69 -7.72 -0.58 -20.17
C CYS A 69 -9.12 -0.74 -20.70
N PRO A 70 -9.33 -1.52 -21.78
CA PRO A 70 -10.71 -1.71 -22.27
C PRO A 70 -11.44 -2.77 -21.46
N SER A 71 -12.77 -2.87 -21.59
CA SER A 71 -13.59 -3.86 -20.86
C SER A 71 -14.44 -4.69 -21.79
N LYS A 72 -14.80 -5.93 -21.35
CA LYS A 72 -15.71 -6.81 -22.09
C LYS A 72 -17.14 -6.41 -21.74
N ARG A 73 -18.15 -7.09 -22.33
CA ARG A 73 -19.59 -6.87 -22.09
C ARG A 73 -20.43 -8.01 -22.66
N SER B 1 7.94 -17.52 -13.28
CA SER B 1 6.91 -16.82 -12.51
C SER B 1 7.20 -15.31 -12.42
N LYS B 2 6.60 -14.52 -13.34
CA LYS B 2 6.80 -13.07 -13.38
C LYS B 2 6.00 -12.36 -12.29
N SER B 3 6.72 -11.70 -11.36
CA SER B 3 6.12 -10.99 -10.23
C SER B 3 6.75 -9.64 -9.89
N MET B 4 6.37 -8.62 -10.69
CA MET B 4 6.69 -7.20 -10.49
C MET B 4 5.40 -6.64 -9.88
N GLN B 5 4.44 -7.56 -9.67
CA GLN B 5 3.08 -7.39 -9.18
C GLN B 5 2.83 -7.09 -7.69
N VAL B 6 1.91 -6.16 -7.48
CA VAL B 6 1.37 -5.69 -6.21
C VAL B 6 -0.14 -5.52 -6.51
N PRO B 7 -0.85 -6.68 -6.51
CA PRO B 7 -2.25 -6.69 -6.95
C PRO B 7 -3.17 -5.73 -6.27
N PHE B 8 -4.26 -5.42 -6.95
CA PHE B 8 -5.28 -4.56 -6.38
C PHE B 8 -6.11 -5.47 -5.49
N SER B 9 -6.88 -4.87 -4.60
CA SER B 9 -7.73 -5.61 -3.69
C SER B 9 -9.16 -5.60 -4.25
N ARG B 10 -9.89 -6.69 -4.07
CA ARG B 10 -11.30 -6.69 -4.47
C ARG B 10 -12.08 -6.46 -3.21
N CYS B 11 -12.83 -5.35 -3.16
CA CYS B 11 -13.60 -4.97 -1.97
C CYS B 11 -15.05 -4.81 -2.27
N CYS B 12 -15.84 -4.99 -1.23
CA CYS B 12 -17.27 -4.82 -1.30
C CYS B 12 -17.72 -3.80 -0.29
N PHE B 13 -17.97 -2.58 -0.76
CA PHE B 13 -18.47 -1.50 0.11
C PHE B 13 -20.00 -1.26 0.00
N SER B 14 -20.67 -1.75 -1.05
CA SER B 14 -22.13 -1.64 -1.24
C SER B 14 -22.62 -3.08 -1.43
N PHE B 15 -23.82 -3.49 -0.94
CA PHE B 15 -24.23 -4.89 -1.04
C PHE B 15 -25.59 -5.11 -1.68
N ALA B 16 -25.79 -6.33 -2.24
CA ALA B 16 -27.05 -6.71 -2.84
C ALA B 16 -28.14 -6.72 -1.79
N GLU B 17 -29.14 -5.87 -1.97
CA GLU B 17 -30.33 -5.81 -1.12
C GLU B 17 -31.23 -7.00 -1.48
N GLN B 18 -31.66 -7.08 -2.76
CA GLN B 18 -32.52 -8.15 -3.27
C GLN B 18 -31.74 -9.42 -3.49
N GLU B 19 -32.32 -10.54 -3.05
CA GLU B 19 -31.76 -11.89 -3.21
C GLU B 19 -31.59 -12.17 -4.71
N ILE B 20 -30.38 -12.61 -5.08
CA ILE B 20 -30.02 -13.01 -6.44
C ILE B 20 -30.34 -14.50 -6.55
N PRO B 21 -31.05 -14.97 -7.61
CA PRO B 21 -31.32 -16.42 -7.71
C PRO B 21 -30.06 -17.26 -7.91
N LEU B 22 -29.97 -18.39 -7.19
CA LEU B 22 -28.85 -19.34 -7.26
C LEU B 22 -28.48 -19.71 -8.70
N ARG B 23 -29.50 -19.97 -9.54
CA ARG B 23 -29.37 -20.32 -10.98
C ARG B 23 -28.61 -19.27 -11.80
N ALA B 24 -28.66 -18.00 -11.35
CA ALA B 24 -28.02 -16.85 -12.00
C ALA B 24 -26.54 -16.71 -11.64
N ILE B 25 -26.03 -17.53 -10.69
CA ILE B 25 -24.68 -17.48 -10.13
C ILE B 25 -23.85 -18.70 -10.55
N LEU B 26 -22.58 -18.47 -10.93
CA LEU B 26 -21.65 -19.52 -11.32
C LEU B 26 -20.81 -20.00 -10.15
N CYS B 27 -20.27 -19.05 -9.36
CA CYS B 27 -19.40 -19.31 -8.22
C CYS B 27 -19.28 -18.05 -7.39
N TYR B 28 -18.51 -18.12 -6.31
CA TYR B 28 -18.24 -16.93 -5.51
C TYR B 28 -16.73 -16.66 -5.34
N ARG B 29 -16.37 -15.39 -5.10
CA ARG B 29 -15.01 -14.96 -4.75
C ARG B 29 -15.08 -14.34 -3.36
N ASN B 30 -14.07 -14.59 -2.51
CA ASN B 30 -13.99 -13.98 -1.19
C ASN B 30 -13.33 -12.60 -1.43
N THR B 31 -13.68 -11.57 -0.67
CA THR B 31 -13.05 -10.26 -0.86
C THR B 31 -11.65 -10.28 -0.25
N SER B 32 -10.80 -9.31 -0.61
CA SER B 32 -9.44 -9.25 -0.08
C SER B 32 -9.49 -9.02 1.44
N SER B 33 -8.60 -9.72 2.18
CA SER B 33 -8.51 -9.70 3.64
C SER B 33 -8.27 -8.32 4.25
N ILE B 34 -7.69 -7.41 3.46
CA ILE B 34 -7.42 -6.05 3.90
C ILE B 34 -8.69 -5.24 4.09
N CYS B 35 -9.72 -5.49 3.25
CA CYS B 35 -10.97 -4.74 3.24
C CYS B 35 -12.15 -5.69 3.39
N SER B 36 -11.91 -6.92 3.93
CA SER B 36 -12.87 -8.02 4.09
C SER B 36 -14.34 -7.63 4.30
N ASN B 37 -14.67 -7.02 5.46
CA ASN B 37 -15.99 -6.54 5.87
C ASN B 37 -17.18 -7.51 5.75
N GLU B 38 -16.91 -8.83 5.77
CA GLU B 38 -17.90 -9.90 5.68
C GLU B 38 -18.69 -9.91 4.35
N GLY B 39 -18.13 -9.25 3.35
CA GLY B 39 -18.70 -9.24 2.03
C GLY B 39 -18.26 -10.50 1.32
N LEU B 40 -19.04 -10.87 0.30
CA LEU B 40 -18.80 -11.98 -0.59
C LEU B 40 -19.02 -11.44 -1.99
N ILE B 41 -18.39 -12.06 -3.00
CA ILE B 41 -18.61 -11.65 -4.39
C ILE B 41 -19.18 -12.85 -5.15
N PHE B 42 -20.39 -12.71 -5.72
CA PHE B 42 -20.96 -13.77 -6.52
C PHE B 42 -20.68 -13.41 -7.95
N LYS B 43 -20.12 -14.37 -8.70
CA LYS B 43 -19.85 -14.26 -10.13
C LYS B 43 -21.13 -14.58 -10.84
N LEU B 44 -21.66 -13.63 -11.60
CA LEU B 44 -22.89 -13.85 -12.36
C LEU B 44 -22.54 -14.18 -13.81
N LYS B 45 -23.55 -14.32 -14.67
CA LYS B 45 -23.40 -14.60 -16.10
C LYS B 45 -23.00 -13.35 -16.87
N ARG B 46 -22.41 -13.56 -18.06
CA ARG B 46 -21.92 -12.52 -18.98
C ARG B 46 -21.00 -11.47 -18.31
N GLY B 47 -20.02 -11.97 -17.55
CA GLY B 47 -19.00 -11.18 -16.87
C GLY B 47 -19.38 -10.39 -15.64
N LYS B 48 -20.70 -10.27 -15.35
CA LYS B 48 -21.26 -9.52 -14.21
C LYS B 48 -20.90 -10.14 -12.86
N GLU B 49 -20.95 -9.31 -11.80
CA GLU B 49 -20.64 -9.69 -10.42
C GLU B 49 -21.53 -8.95 -9.42
N ALA B 50 -21.66 -9.48 -8.20
CA ALA B 50 -22.44 -8.81 -7.18
C ALA B 50 -21.89 -9.03 -5.80
N CYS B 51 -21.71 -7.94 -5.03
CA CYS B 51 -21.30 -7.98 -3.64
C CYS B 51 -22.51 -8.38 -2.81
N ALA B 52 -22.31 -9.26 -1.84
CA ALA B 52 -23.37 -9.76 -0.99
C ALA B 52 -22.77 -9.85 0.38
N LEU B 53 -23.54 -9.49 1.42
CA LEU B 53 -23.09 -9.46 2.80
C LEU B 53 -23.36 -10.82 3.45
N ASP B 54 -22.29 -11.50 3.87
CA ASP B 54 -22.32 -12.85 4.43
C ASP B 54 -22.98 -13.01 5.80
N THR B 55 -23.51 -11.92 6.38
CA THR B 55 -24.21 -11.98 7.67
C THR B 55 -25.71 -12.21 7.42
N VAL B 56 -26.15 -12.15 6.13
CA VAL B 56 -27.53 -12.33 5.66
C VAL B 56 -27.73 -13.79 5.25
N GLY B 57 -28.87 -14.35 5.62
CA GLY B 57 -29.24 -15.74 5.37
C GLY B 57 -29.12 -16.27 3.97
N TRP B 58 -29.78 -15.63 2.99
CA TRP B 58 -29.74 -16.08 1.59
C TRP B 58 -28.32 -16.11 1.02
N VAL B 59 -27.44 -15.23 1.50
CA VAL B 59 -26.04 -15.18 1.06
C VAL B 59 -25.31 -16.43 1.59
N GLN B 60 -25.55 -16.80 2.86
CA GLN B 60 -24.96 -17.95 3.52
C GLN B 60 -25.44 -19.23 2.87
N ARG B 61 -26.78 -19.31 2.61
CA ARG B 61 -27.41 -20.47 1.97
C ARG B 61 -26.91 -20.68 0.55
N HIS B 62 -26.76 -19.61 -0.24
CA HIS B 62 -26.23 -19.65 -1.60
C HIS B 62 -24.78 -20.04 -1.57
N ARG B 63 -23.95 -19.39 -0.73
CA ARG B 63 -22.51 -19.68 -0.61
C ARG B 63 -22.26 -21.18 -0.38
N LYS B 64 -23.09 -21.82 0.48
CA LYS B 64 -23.01 -23.24 0.80
C LYS B 64 -23.35 -24.15 -0.42
N MET B 65 -23.92 -23.58 -1.49
CA MET B 65 -24.35 -24.31 -2.69
C MET B 65 -23.49 -24.07 -3.94
N LEU B 66 -22.39 -23.33 -3.79
CA LEU B 66 -21.51 -22.95 -4.90
C LEU B 66 -20.08 -23.21 -4.51
N ARG B 67 -19.19 -23.33 -5.51
CA ARG B 67 -17.76 -23.50 -5.31
C ARG B 67 -17.08 -22.10 -5.44
N HIS B 68 -15.79 -21.98 -5.05
CA HIS B 68 -15.00 -20.76 -5.20
C HIS B 68 -14.64 -20.57 -6.67
N CYS B 69 -14.58 -19.32 -7.16
CA CYS B 69 -14.24 -19.08 -8.58
C CYS B 69 -12.83 -19.48 -8.93
N PRO B 70 -12.60 -20.10 -10.10
CA PRO B 70 -11.21 -20.42 -10.48
C PRO B 70 -10.50 -19.21 -11.08
N SER B 71 -9.17 -19.25 -11.20
CA SER B 71 -8.35 -18.17 -11.75
C SER B 71 -7.46 -18.61 -12.88
N LYS B 72 -7.08 -17.66 -13.79
CA LYS B 72 -6.14 -17.96 -14.88
C LYS B 72 -4.72 -17.79 -14.32
N ARG B 73 -3.69 -18.04 -15.17
CA ARG B 73 -2.26 -17.93 -14.84
C ARG B 73 -1.42 -17.98 -16.12
N DSN C 3 32.92 2.09 13.06
CA DSN C 3 31.62 1.45 12.93
C DSN C 3 30.92 1.84 11.63
O DSN C 3 31.05 1.16 10.62
CB DSN C 3 31.74 -0.08 13.03
OG DSN C 3 30.93 -0.61 14.08
N MED C 4 30.17 2.98 11.67
CA MED C 4 29.38 3.48 10.55
C MED C 4 27.92 3.39 10.92
O MED C 4 27.55 3.69 12.06
CB MED C 4 29.72 4.95 10.16
CG MED C 4 29.10 5.39 8.83
SD MED C 4 28.90 7.17 8.62
CE MED C 4 27.39 7.46 9.55
N DGN C 5 27.09 3.00 9.96
CA DGN C 5 25.68 2.87 10.19
C DGN C 5 24.93 2.96 8.87
O DGN C 5 24.71 1.94 8.23
CB DGN C 5 25.40 1.53 10.88
CG DGN C 5 23.97 1.37 11.39
CD DGN C 5 23.32 0.06 10.93
OE1 DGN C 5 22.10 -0.03 10.81
NE2 DGN C 5 24.13 -0.98 10.72
N DVA C 6 24.51 4.17 8.48
CA DVA C 6 23.70 4.37 7.26
CB DVA C 6 24.47 5.13 6.16
CG1 DVA C 6 25.45 4.19 5.46
CG2 DVA C 6 25.21 6.33 6.72
C DVA C 6 22.36 5.06 7.63
O DVA C 6 22.03 6.12 7.12
N DPR C 7 21.59 4.47 8.55
CA DPR C 7 20.31 5.09 8.92
CB DPR C 7 19.89 4.27 10.14
CG DPR C 7 20.40 2.91 9.82
CD DPR C 7 21.78 3.17 9.23
C DPR C 7 19.30 4.88 7.82
O DPR C 7 19.48 4.01 6.97
N DPN C 8 18.23 5.68 7.81
CA DPN C 8 17.21 5.46 6.79
C DPN C 8 16.37 4.27 7.21
O DPN C 8 16.38 3.85 8.38
CB DPN C 8 16.37 6.72 6.59
CG DPN C 8 15.65 7.19 7.82
CD1 DPN C 8 14.52 6.53 8.28
CD2 DPN C 8 16.08 8.33 8.50
CE1 DPN C 8 13.85 6.98 9.40
CE2 DPN C 8 15.42 8.78 9.65
CZ DPN C 8 14.30 8.11 10.10
N DSN C 9 15.65 3.70 6.25
CA DSN C 9 14.78 2.57 6.55
C DSN C 9 13.38 3.08 6.64
O DSN C 9 13.04 3.99 5.88
CB DSN C 9 14.86 1.55 5.42
OG DSN C 9 16.17 1.03 5.31
N DAR C 10 12.57 2.47 7.52
CA DAR C 10 11.15 2.77 7.65
CB DAR C 10 10.74 2.81 9.12
CG DAR C 10 11.43 3.87 9.94
CD DAR C 10 11.62 3.39 11.38
NE DAR C 10 12.54 2.25 11.48
CZ DAR C 10 12.18 1.04 11.88
NH1 DAR C 10 13.07 0.05 11.94
NH2 DAR C 10 10.92 0.80 12.23
C DAR C 10 10.39 1.66 6.95
O DAR C 10 10.46 0.50 7.36
N DCY C 11 9.67 1.99 5.88
CA DCY C 11 9.00 1.01 5.02
C DCY C 11 7.53 1.33 4.90
O DCY C 11 7.15 2.51 4.86
CB DCY C 11 9.58 1.10 3.62
SG DCY C 11 11.40 0.91 3.58
N DCY C 12 6.71 0.30 4.79
CA DCY C 12 5.27 0.50 4.60
C DCY C 12 4.96 0.18 3.17
O DCY C 12 5.09 -0.97 2.74
CB DCY C 12 4.47 -0.42 5.50
SG DCY C 12 4.49 0.20 7.15
N DPN C 13 4.53 1.18 2.42
CA DPN C 13 4.17 0.92 1.05
C DPN C 13 2.70 1.24 0.82
O DPN C 13 2.26 1.31 -0.33
CB DPN C 13 5.08 1.69 0.13
CG DPN C 13 6.50 1.24 0.20
CD1 DPN C 13 6.81 -0.12 0.11
CD2 DPN C 13 7.51 2.14 0.39
CE1 DPN C 13 8.14 -0.56 0.13
CE2 DPN C 13 8.84 1.71 0.47
CZ DPN C 13 9.14 0.37 0.32
N DSN C 14 1.96 1.37 1.94
CA DSN C 14 0.50 1.61 2.00
C DSN C 14 0.00 1.06 3.32
O DSN C 14 0.72 1.09 4.30
CB DSN C 14 0.22 3.10 2.01
OG DSN C 14 0.58 3.66 0.77
N DPN C 15 -1.25 0.59 3.37
CA DPN C 15 -1.74 0.01 4.59
C DPN C 15 -3.08 0.54 4.99
O DPN C 15 -3.90 0.94 4.13
CB DPN C 15 -1.78 -1.51 4.45
CG DPN C 15 -0.42 -2.13 4.28
CD1 DPN C 15 0.50 -2.08 5.31
CD2 DPN C 15 -0.05 -2.69 3.07
CE1 DPN C 15 1.79 -2.64 5.15
CE2 DPN C 15 1.24 -3.24 2.88
CZ DPN C 15 2.15 -3.21 3.92
N DAL C 16 -3.32 0.54 6.31
CA DAL C 16 -4.62 0.94 6.83
CB DAL C 16 -4.57 1.00 8.34
C DAL C 16 -5.61 -0.14 6.41
O DAL C 16 -5.32 -1.32 6.59
N DGL C 17 -6.77 0.26 5.88
CA DGL C 17 -7.81 -0.68 5.50
C DGL C 17 -8.84 -0.77 6.63
O DGL C 17 -9.48 -1.82 6.84
CB DGL C 17 -8.53 -0.22 4.24
CG DGL C 17 -9.62 -1.14 3.81
CD DGL C 17 -11.00 -0.66 4.16
OE1 DGL C 17 -11.16 0.53 4.51
OE2 DGL C 17 -11.95 -1.47 4.06
N DGN C 18 -9.06 0.34 7.31
CA DGN C 18 -10.02 0.35 8.39
C DGN C 18 -9.28 0.09 9.66
O DGN C 18 -8.25 0.72 9.92
CB DGN C 18 -10.74 1.68 8.47
CG DGN C 18 -12.22 1.57 8.74
CD DGN C 18 -13.00 2.56 7.89
OE1 DGN C 18 -12.93 3.76 8.12
NE2 DGN C 18 -13.64 2.07 6.85
N DGL C 19 -9.83 -0.79 10.48
CA DGL C 19 -9.27 -1.13 11.75
C DGL C 19 -9.11 0.10 12.65
O DGL C 19 -10.04 0.91 12.78
CB DGL C 19 -10.12 -2.20 12.43
CG DGL C 19 -9.80 -2.38 13.90
CD DGL C 19 -10.35 -3.67 14.46
OE1 DGL C 19 -11.02 -4.42 13.72
OE2 DGL C 19 -10.18 -3.90 15.67
N DIL C 20 -7.94 0.25 13.23
CA DIL C 20 -7.60 1.30 14.15
C DIL C 20 -7.97 0.73 15.50
O DIL C 20 -7.51 -0.38 15.81
CB DIL C 20 -6.07 1.56 14.11
CG1 DIL C 20 -5.65 2.08 12.74
CG2 DIL C 20 -5.61 2.49 15.26
CD1 DIL C 20 -4.17 2.37 12.65
N DPR C 21 -8.82 1.39 16.31
CA DPR C 21 -9.16 0.81 17.62
CB DPR C 21 -10.12 1.83 18.23
CG DPR C 21 -9.89 3.09 17.49
CD DPR C 21 -9.47 2.70 16.11
C DPR C 21 -7.93 0.65 18.50
O DPR C 21 -7.05 1.52 18.48
N DLE C 22 -7.86 -0.46 19.24
CA DLE C 22 -6.74 -0.76 20.13
CB DLE C 22 -7.00 -2.03 20.92
CG DLE C 22 -5.78 -2.63 21.62
CD1 DLE C 22 -4.51 -2.36 20.82
CD2 DLE C 22 -5.97 -4.12 21.81
C DLE C 22 -6.42 0.39 21.08
O DLE C 22 -5.26 0.67 21.33
N DAR C 23 -7.47 1.05 21.59
CA DAR C 23 -7.34 2.17 22.52
CB DAR C 23 -8.72 2.76 22.85
CG DAR C 23 -9.67 1.76 23.41
CD DAR C 23 -10.72 1.30 22.40
NE DAR C 23 -10.36 -0.04 21.95
CZ DAR C 23 -11.22 -0.92 21.43
NH1 DAR C 23 -10.78 -2.12 21.07
NH2 DAR C 23 -12.49 -0.59 21.26
C DAR C 23 -6.43 3.28 22.01
O DAR C 23 -5.70 3.89 22.80
N DAL C 24 -6.47 3.56 20.71
CA DAL C 24 -5.69 4.63 20.11
CB DAL C 24 -6.24 4.97 18.73
C DAL C 24 -4.20 4.31 20.01
O DAL C 24 -3.39 5.24 19.99
N DIL C 25 -3.84 3.02 19.89
CA DIL C 25 -2.46 2.59 19.68
C DIL C 25 -1.57 2.59 20.93
O DIL C 25 -1.90 1.93 21.92
CB DIL C 25 -2.41 1.24 18.91
CG1 DIL C 25 -3.22 1.33 17.60
CG2 DIL C 25 -0.98 0.85 18.57
CD1 DIL C 25 -3.78 0.01 17.16
N DLE C 26 -0.44 3.29 20.87
CA DLE C 26 0.52 3.39 21.95
CB DLE C 26 1.42 4.60 21.71
CG DLE C 26 0.73 5.96 21.87
CD1 DLE C 26 1.79 7.05 21.85
CD2 DLE C 26 -0.08 6.02 23.16
C DLE C 26 1.40 2.15 22.01
O DLE C 26 1.66 1.60 23.09
N DCY C 27 1.90 1.74 20.83
CA DCY C 27 2.81 0.62 20.69
C DCY C 27 3.04 0.43 19.19
O DCY C 27 2.52 1.20 18.39
CB DCY C 27 4.14 0.96 21.35
SG DCY C 27 4.83 2.60 20.91
N DTY C 28 3.80 -0.59 18.80
CA DTY C 28 4.12 -0.79 17.39
C DTY C 28 5.63 -0.97 17.18
O DTY C 28 6.38 -1.06 18.14
CB DTY C 28 3.35 -1.98 16.81
CG DTY C 28 3.90 -3.30 17.25
CD1 DTY C 28 4.82 -4.00 16.46
CD2 DTY C 28 3.61 -3.80 18.51
CE1 DTY C 28 5.37 -5.19 16.90
CE2 DTY C 28 4.12 -5.00 18.94
CZ DTY C 28 5.01 -5.69 18.14
OH DTY C 28 5.53 -6.87 18.59
N DAR C 29 6.04 -1.03 15.93
CA DAR C 29 7.44 -1.27 15.55
CB DAR C 29 8.23 0.03 15.43
CG DAR C 29 7.48 1.15 14.78
CD DAR C 29 7.38 2.36 15.70
NE DAR C 29 7.81 3.58 15.01
CZ DAR C 29 8.79 4.39 15.42
NH1 DAR C 29 9.45 4.15 16.55
NH2 DAR C 29 9.09 5.46 14.69
C DAR C 29 7.43 -1.99 14.21
O DAR C 29 6.39 -2.05 13.55
N DSG C 30 8.54 -2.58 13.83
CA DSG C 30 8.56 -3.27 12.54
C DSG C 30 9.03 -2.33 11.47
O DSG C 30 9.38 -1.19 11.76
CB DSG C 30 9.46 -4.50 12.60
CG DSG C 30 9.34 -5.25 13.90
OD1 DSG C 30 10.17 -5.09 14.78
ND2 DSG C 30 8.24 -5.98 14.08
N DTH C 31 8.97 -2.78 10.22
CA DTH C 31 9.50 -2.03 9.10
CB DTH C 31 8.72 -2.30 7.82
CG2 DTH C 31 7.35 -1.65 7.91
OG1 DTH C 31 8.57 -3.72 7.62
C DTH C 31 10.94 -2.49 8.98
O DTH C 31 11.32 -3.43 9.69
N DSN C 32 11.77 -1.84 8.17
CA DSN C 32 13.17 -2.25 8.09
C DSN C 32 13.23 -3.59 7.44
O DSN C 32 12.32 -3.93 6.68
CB DSN C 32 13.98 -1.22 7.30
OG DSN C 32 13.99 0.00 8.02
N DSN C 33 14.24 -4.40 7.76
CA DSN C 33 14.31 -5.72 7.15
C DSN C 33 14.38 -5.69 5.62
O DSN C 33 13.72 -6.47 4.97
CB DSN C 33 15.46 -6.52 7.72
OG DSN C 33 15.04 -7.87 7.85
N DIL C 34 15.11 -4.74 5.05
CA DIL C 34 15.25 -4.58 3.60
C DIL C 34 13.96 -4.37 2.89
O DIL C 34 13.87 -4.65 1.72
CB DIL C 34 16.25 -3.48 3.22
CG1 DIL C 34 16.75 -3.65 1.80
CG2 DIL C 34 15.69 -2.07 3.48
CD1 DIL C 34 17.97 -2.86 1.56
N DCY C 35 12.97 -3.81 3.54
CA DCY C 35 11.70 -3.56 2.88
C DCY C 35 10.65 -4.30 3.68
O DCY C 35 9.86 -3.70 4.40
CB DCY C 35 11.38 -2.05 2.82
SG DCY C 35 11.39 -1.22 4.43
N DSN C 36 10.73 -5.63 3.62
CA DSN C 36 9.79 -6.48 4.34
C DSN C 36 8.67 -6.83 3.44
O DSN C 36 8.86 -7.55 2.46
CB DSN C 36 10.47 -7.75 4.84
OG DSN C 36 10.69 -7.70 6.23
N DSG C 37 7.48 -6.30 3.71
CA DSG C 37 6.32 -6.62 2.93
C DSG C 37 5.10 -6.87 3.83
O DSG C 37 4.00 -6.40 3.55
CB DSG C 37 6.08 -5.61 1.80
CG DSG C 37 5.60 -4.26 2.31
OD1 DSG C 37 5.64 -3.97 3.53
ND2 DSG C 37 5.11 -3.44 1.37
N DGL C 38 5.33 -7.65 4.90
CA DGL C 38 4.29 -8.02 5.87
C DGL C 38 3.67 -6.81 6.55
O DGL C 38 2.50 -6.86 6.92
CB DGL C 38 3.22 -8.87 5.21
CG DGL C 38 3.75 -10.06 4.43
CD DGL C 38 3.62 -11.36 5.21
OE1 DGL C 38 3.05 -12.33 4.65
OE2 DGL C 38 4.12 -11.42 6.36
N GLY C 39 4.45 -5.75 6.72
CA GLY C 39 3.96 -4.52 7.33
C GLY C 39 4.49 -4.22 8.72
N DLE C 40 3.74 -3.45 9.50
CA DLE C 40 4.18 -3.01 10.81
CB DLE C 40 3.87 -4.00 11.92
CG DLE C 40 2.43 -4.35 12.27
CD1 DLE C 40 1.77 -3.17 12.93
CD2 DLE C 40 2.51 -5.49 13.21
C DLE C 40 3.66 -1.63 11.10
O DLE C 40 2.62 -1.24 10.59
N DIL C 41 4.41 -0.85 11.86
CA DIL C 41 4.01 0.51 12.15
C DIL C 41 3.30 0.62 13.54
O DIL C 41 3.77 0.07 14.52
CB DIL C 41 5.22 1.47 12.00
CG1 DIL C 41 5.66 1.51 10.52
CG2 DIL C 41 4.88 2.88 12.44
CD1 DIL C 41 7.16 1.36 10.35
N DPN C 42 2.15 1.31 13.58
CA DPN C 42 1.45 1.54 14.84
C DPN C 42 1.69 2.98 15.28
O DPN C 42 1.37 3.90 14.53
CB DPN C 42 -0.04 1.34 14.68
CG DPN C 42 -0.48 -0.09 14.72
CD1 DPN C 42 0.03 -0.95 15.68
CD2 DPN C 42 -1.39 -0.57 13.80
CE1 DPN C 42 -0.35 -2.28 15.71
CE2 DPN C 42 -1.81 -1.89 13.82
CZ DPN C 42 -1.29 -2.76 14.79
N DLY C 43 2.24 3.17 16.49
CA DLY C 43 2.39 4.51 17.02
C DLY C 43 1.09 4.82 17.72
O DLY C 43 0.64 4.02 18.52
CB DLY C 43 3.55 4.61 18.00
CG DLY C 43 4.48 5.77 17.69
CD DLY C 43 4.88 6.57 18.93
CE DLY C 43 4.34 8.01 18.89
NZ DLY C 43 3.91 8.47 17.52
N DLE C 44 0.46 5.92 17.37
CA DLE C 44 -0.83 6.24 17.98
CB DLE C 44 -1.87 6.58 16.91
CG DLE C 44 -1.81 5.81 15.59
CD1 DLE C 44 -2.77 6.45 14.60
CD2 DLE C 44 -2.17 4.35 15.83
C DLE C 44 -0.70 7.33 19.03
O DLE C 44 0.30 8.06 19.07
N DLY C 45 -1.72 7.42 19.90
CA DLY C 45 -1.81 8.35 21.03
C DLY C 45 -1.52 9.79 20.67
O DLY C 45 -0.73 10.43 21.37
CB DLY C 45 -3.19 8.26 21.69
CG DLY C 45 -3.18 7.81 23.15
CD DLY C 45 -4.31 8.48 23.94
CE DLY C 45 -5.69 7.87 23.62
NZ DLY C 45 -6.75 8.34 24.57
N DAR C 46 -2.20 10.34 19.66
CA DAR C 46 -1.98 11.74 19.30
CB DAR C 46 -3.17 12.33 18.54
CG DAR C 46 -3.93 13.40 19.32
CD DAR C 46 -4.88 12.79 20.35
NE DAR C 46 -5.07 13.65 21.53
CZ DAR C 46 -5.05 13.24 22.80
NH1 DAR C 46 -5.24 14.12 23.78
NH2 DAR C 46 -4.87 11.95 23.08
C DAR C 46 -0.64 12.11 18.68
O DAR C 46 -0.27 13.29 18.68
N GLY C 47 0.10 11.11 18.21
CA GLY C 47 1.41 11.32 17.62
C GLY C 47 1.54 10.85 16.19
N DLY C 48 0.43 10.39 15.60
CA DLY C 48 0.44 9.87 14.22
C DLY C 48 0.99 8.42 14.21
O DLY C 48 0.77 7.67 15.16
CB DLY C 48 -0.99 9.87 13.65
CG DLY C 48 -1.79 11.14 13.88
CD DLY C 48 -3.19 11.03 13.26
CE DLY C 48 -3.14 10.96 11.73
NZ DLY C 48 -3.56 9.63 11.16
N DGL C 49 1.68 8.03 13.13
CA DGL C 49 2.17 6.65 12.99
C DGL C 49 1.51 5.97 11.77
O DGL C 49 1.69 6.42 10.65
CB DGL C 49 3.69 6.60 12.91
CG DGL C 49 4.39 7.15 14.16
CD DGL C 49 5.63 6.34 14.57
OE1 DGL C 49 6.61 6.94 15.06
OE2 DGL C 49 5.59 5.10 14.47
N DAL C 50 0.69 4.91 12.01
CA DAL C 50 -0.02 4.20 10.97
CB DAL C 50 -1.46 4.00 11.40
C DAL C 50 0.60 2.85 10.59
O DAL C 50 0.86 2.02 11.45
N DCY C 51 0.76 2.62 9.28
CA DCY C 51 1.25 1.37 8.68
C DCY C 51 0.09 0.41 8.58
O DCY C 51 -1.01 0.82 8.19
CB DCY C 51 1.75 1.65 7.27
SG DCY C 51 3.44 2.13 7.24
N DAL C 52 0.31 -0.87 8.89
CA DAL C 52 -0.75 -1.87 8.81
CB DAL C 52 -1.38 -2.07 10.19
C DAL C 52 -0.22 -3.19 8.25
O DAL C 52 0.96 -3.48 8.42
N DLE C 53 -1.07 -3.96 7.61
CA DLE C 53 -0.67 -5.24 7.04
CB DLE C 53 -1.49 -5.58 5.79
CG DLE C 53 -0.86 -6.62 4.86
CD1 DLE C 53 0.49 -6.15 4.36
CD2 DLE C 53 -1.78 -6.76 3.73
C DLE C 53 -0.79 -6.37 8.06
O DLE C 53 -1.89 -6.75 8.43
N DAS C 54 0.37 -6.92 8.47
CA DAS C 54 0.48 -7.97 9.47
C DAS C 54 -0.24 -9.29 9.19
O DAS C 54 -0.40 -10.11 10.09
CB DAS C 54 1.93 -8.13 10.03
CG DAS C 54 2.83 -9.17 9.39
OD1 DAS C 54 2.51 -10.37 9.48
OD2 DAS C 54 3.93 -8.80 8.93
N DTH C 55 -0.75 -9.47 7.97
CA DTH C 55 -1.50 -10.67 7.62
CB DTH C 55 -1.28 -11.07 6.15
CG2 DTH C 55 0.17 -11.40 5.91
OG1 DTH C 55 -1.66 -10.00 5.28
C DTH C 55 -3.00 -10.44 7.92
O DTH C 55 -3.78 -11.38 7.94
N DVA C 56 -3.39 -9.17 8.17
CA DVA C 56 -4.77 -8.81 8.45
CB DVA C 56 -5.07 -7.35 8.07
CG1 DVA C 56 -6.53 -7.01 8.37
CG2 DVA C 56 -4.74 -7.11 6.60
C DVA C 56 -5.13 -9.13 9.89
O DVA C 56 -4.35 -8.84 10.80
N GLY C 57 -6.26 -9.78 10.07
CA GLY C 57 -6.76 -10.24 11.36
C GLY C 57 -6.68 -9.24 12.48
N DTR C 58 -7.34 -8.07 12.34
CA DTR C 58 -7.35 -7.08 13.42
CB DTR C 58 -8.30 -5.93 13.12
CG DTR C 58 -7.85 -5.02 12.00
CD1 DTR C 58 -8.31 -5.03 10.71
NE1 DTR C 58 -7.70 -4.02 9.99
CE2 DTR C 58 -6.87 -3.32 10.82
CZ2 DTR C 58 -6.08 -2.20 10.56
CH2 DTR C 58 -5.33 -1.71 11.60
CZ3 DTR C 58 -5.40 -2.26 12.89
CE3 DTR C 58 -6.21 -3.35 13.16
CD2 DTR C 58 -6.96 -3.91 12.10
C DTR C 58 -5.96 -6.58 13.77
O DTR C 58 -5.69 -6.31 14.93
N DVA C 59 -5.07 -6.46 12.76
CA DVA C 59 -3.68 -6.02 12.92
CB DVA C 59 -3.01 -5.87 11.56
CG1 DVA C 59 -1.52 -5.56 11.73
CG2 DVA C 59 -3.68 -4.79 10.76
C DVA C 59 -2.96 -7.03 13.79
O DVA C 59 -2.37 -6.68 14.81
N DGN C 60 -3.02 -8.32 13.38
CA DGN C 60 -2.44 -9.45 14.08
C DGN C 60 -2.88 -9.47 15.54
O DGN C 60 -2.06 -9.68 16.44
CB DGN C 60 -2.91 -10.75 13.41
CG DGN C 60 -1.96 -11.32 12.39
CD DGN C 60 -2.62 -12.36 11.51
OE1 DGN C 60 -3.51 -13.08 11.95
NE2 DGN C 60 -2.18 -12.44 10.26
N DAR C 61 -4.20 -9.27 15.76
CA DAR C 61 -4.81 -9.26 17.10
CB DAR C 61 -6.32 -9.13 16.98
CG DAR C 61 -7.02 -10.39 16.53
CD DAR C 61 -8.45 -10.42 17.03
NE DAR C 61 -9.20 -9.23 16.66
CZ DAR C 61 -9.69 -8.99 15.44
NH1 DAR C 61 -9.53 -9.88 14.46
NH2 DAR C 61 -10.34 -7.86 15.20
C DAR C 61 -4.25 -8.13 17.96
O DAR C 61 -3.85 -8.37 19.10
N DHI C 62 -4.24 -6.91 17.40
CA DHI C 62 -3.71 -5.71 18.05
C DHI C 62 -2.27 -5.90 18.44
O DHI C 62 -1.89 -5.53 19.55
CB DHI C 62 -3.83 -4.53 17.09
CG DHI C 62 -5.20 -3.96 17.02
ND1 DHI C 62 -6.33 -4.73 17.17
CD2 DHI C 62 -5.63 -2.69 16.85
CE1 DHI C 62 -7.39 -3.97 17.09
NE2 DHI C 62 -7.01 -2.72 16.90
N DAR C 63 -1.48 -6.45 17.52
CA DAR C 63 -0.07 -6.72 17.77
CB DAR C 63 0.57 -7.37 16.55
CG DAR C 63 2.06 -7.57 16.69
CD DAR C 63 2.63 -8.44 15.58
NE DAR C 63 4.05 -8.17 15.42
CZ DAR C 63 5.03 -8.58 16.25
NH1 DAR C 63 4.74 -9.27 17.35
NH2 DAR C 63 6.28 -8.26 16.00
C DAR C 63 0.11 -7.61 19.03
O DAR C 63 1.01 -7.33 19.82
N DLY C 64 -0.75 -8.62 19.24
CA DLY C 64 -0.64 -9.49 20.43
C DLY C 64 -0.89 -8.73 21.75
O DLY C 64 -0.29 -9.06 22.77
CB DLY C 64 -1.57 -10.70 20.32
CG DLY C 64 -1.46 -11.48 19.02
CD DLY C 64 -0.06 -12.08 18.84
CE DLY C 64 -0.13 -13.60 18.69
NZ DLY C 64 0.20 -14.32 19.96
N MED C 65 -1.77 -7.72 21.71
CA MED C 65 -2.14 -6.89 22.86
C MED C 65 -1.30 -5.59 22.95
O MED C 65 -1.67 -4.68 23.69
CB MED C 65 -3.65 -6.59 22.81
CG MED C 65 -4.53 -7.83 22.82
SD MED C 65 -6.09 -7.59 21.94
CE MED C 65 -6.64 -9.29 21.76
N DLE C 66 -0.17 -5.52 22.24
CA DLE C 66 0.70 -4.34 22.21
CB DLE C 66 0.64 -3.65 20.83
CG DLE C 66 -0.57 -2.76 20.51
CD1 DLE C 66 -0.67 -2.43 19.04
CD2 DLE C 66 -0.58 -1.50 21.37
C DLE C 66 2.15 -4.71 22.48
O DLE C 66 2.54 -5.88 22.41
N DAR C 67 2.97 -3.68 22.73
CA DAR C 67 4.39 -3.80 22.89
CB DAR C 67 4.82 -3.26 24.27
CG DAR C 67 4.31 -4.08 25.43
CD DAR C 67 5.32 -4.12 26.55
NE DAR C 67 4.73 -4.57 27.80
CZ DAR C 67 4.29 -5.80 28.03
NH1 DAR C 67 3.76 -6.11 29.23
NH2 DAR C 67 4.38 -6.73 27.10
C DAR C 67 5.07 -2.98 21.81
O DAR C 67 4.48 -2.06 21.24
N DHI C 68 6.34 -3.30 21.53
CA DHI C 68 7.22 -2.60 20.61
C DHI C 68 7.54 -1.24 21.20
O DHI C 68 7.85 -1.15 22.38
CB DHI C 68 8.55 -3.37 20.50
CG DHI C 68 8.53 -4.49 19.49
ND1 DHI C 68 8.26 -5.79 19.84
CD2 DHI C 68 8.78 -4.49 18.16
CE1 DHI C 68 8.37 -6.56 18.76
NE2 DHI C 68 8.67 -5.79 17.74
N DCY C 69 7.50 -0.19 20.40
CA DCY C 69 7.83 1.16 20.85
C DCY C 69 9.27 1.19 21.31
O DCY C 69 10.14 0.62 20.65
CB DCY C 69 7.73 2.15 19.69
SG DCY C 69 6.07 2.35 19.01
N DPR C 70 9.58 1.90 22.40
CA DPR C 70 10.99 2.05 22.77
CB DPR C 70 10.92 2.44 24.23
CG DPR C 70 9.63 3.18 24.36
CD DPR C 70 8.70 2.69 23.28
C DPR C 70 11.58 3.17 21.93
O DPR C 70 10.88 3.76 21.11
N DSN C 71 12.85 3.49 22.11
CA DSN C 71 13.47 4.55 21.34
C DSN C 71 14.55 5.11 22.20
O DSN C 71 15.07 4.40 23.05
CB DSN C 71 14.11 3.98 20.07
OG DSN C 71 15.35 3.36 20.39
N DLY C 72 14.95 6.37 21.97
CA DLY C 72 16.01 6.99 22.75
C DLY C 72 17.35 6.32 22.43
O DLY C 72 17.55 5.81 21.33
CB DLY C 72 16.08 8.50 22.49
CG DLY C 72 14.75 9.23 22.69
CD DLY C 72 14.89 10.31 23.77
CE DLY C 72 13.57 10.52 24.51
NZ DLY C 72 13.34 11.97 24.81
N DAR C 73 18.26 6.29 23.42
CA DAR C 73 19.58 5.70 23.25
CB DAR C 73 20.14 5.25 24.60
CG DAR C 73 19.43 4.06 25.23
CD DAR C 73 19.14 2.97 24.21
NE DAR C 73 18.78 1.69 24.84
CZ DAR C 73 19.52 0.59 24.80
NH1 DAR C 73 19.10 -0.50 25.42
NH2 DAR C 73 20.68 0.56 24.17
C DAR C 73 20.54 6.67 22.56
O DAR C 73 20.59 7.84 22.93
N DSN D 3 -10.24 11.74 6.39
CA DSN D 3 -8.92 11.95 5.81
C DSN D 3 -8.18 10.62 5.60
O DSN D 3 -8.27 10.04 4.51
CB DSN D 3 -9.01 12.74 4.50
OG DSN D 3 -8.23 13.93 4.53
N MED D 4 -7.48 10.14 6.66
CA MED D 4 -6.67 8.92 6.62
C MED D 4 -5.21 9.31 6.74
O MED D 4 -4.85 10.20 7.52
CB MED D 4 -7.05 7.91 7.73
CG MED D 4 -6.41 6.52 7.52
SD MED D 4 -6.26 5.51 9.02
CE MED D 4 -4.79 6.25 9.77
N DGN D 5 -4.37 8.62 5.98
CA DGN D 5 -2.95 8.90 5.99
C DGN D 5 -2.17 7.69 5.53
O DGN D 5 -1.94 7.54 4.34
CB DGN D 5 -2.68 10.09 5.06
CG DGN D 5 -1.26 10.64 5.12
CD DGN D 5 -0.58 10.75 3.76
OE1 DGN D 5 0.66 10.71 3.67
NE2 DGN D 5 -1.38 10.95 2.71
N DVA D 6 -1.76 6.81 6.47
CA DVA D 6 -0.93 5.65 6.14
CB DVA D 6 -1.69 4.31 6.32
CG1 DVA D 6 -2.63 4.07 5.16
CG2 DVA D 6 -2.45 4.29 7.64
C DVA D 6 0.38 5.71 6.94
O DVA D 6 0.72 4.79 7.69
N DPR D 7 1.15 6.80 6.82
CA DPR D 7 2.40 6.88 7.56
CB DPR D 7 2.80 8.35 7.40
CG DPR D 7 2.30 8.68 6.06
CD DPR D 7 0.96 7.98 5.96
C DPR D 7 3.45 6.02 6.89
O DPR D 7 3.29 5.66 5.73
N DPN D 8 4.50 5.66 7.62
CA DPN D 8 5.54 4.85 6.99
C DPN D 8 6.39 5.74 6.11
O DPN D 8 6.37 6.96 6.25
CB DPN D 8 6.37 4.11 8.03
CG DPN D 8 7.07 5.01 9.02
CD1 DPN D 8 8.19 5.76 8.65
CD2 DPN D 8 6.63 5.08 10.34
CE1 DPN D 8 8.83 6.58 9.56
CE2 DPN D 8 7.29 5.90 11.28
CZ DPN D 8 8.39 6.64 10.88
N DSN D 9 7.11 5.14 5.18
CA DSN D 9 8.01 5.91 4.33
C DSN D 9 9.40 5.79 4.86
O DSN D 9 9.77 4.73 5.38
CB DSN D 9 7.99 5.34 2.91
OG DSN D 9 6.68 5.42 2.37
N DAR D 10 10.20 6.85 4.71
CA DAR D 10 11.62 6.88 5.08
CB DAR D 10 11.98 8.20 5.74
CG DAR D 10 11.25 8.47 7.01
CD DAR D 10 11.04 9.98 7.22
NE DAR D 10 10.15 10.54 6.20
CZ DAR D 10 10.53 11.44 5.28
NH1 DAR D 10 9.65 11.91 4.40
NH2 DAR D 10 11.78 11.86 5.24
C DAR D 10 12.42 6.73 3.78
O DAR D 10 12.37 7.58 2.91
N DCY D 11 13.15 5.62 3.64
CA DCY D 11 13.87 5.29 2.41
C DCY D 11 15.35 5.06 2.68
O DCY D 11 15.71 4.52 3.74
CB DCY D 11 13.32 3.98 1.87
SG DCY D 11 11.51 3.97 1.61
N DCY D 12 16.19 5.40 1.71
CA DCY D 12 17.64 5.16 1.84
C DCY D 12 17.99 4.03 0.95
O DCY D 12 17.87 4.13 -0.27
CB DCY D 12 18.42 6.38 1.42
SG DCY D 12 18.36 7.61 2.67
N DPN D 13 18.41 2.92 1.53
CA DPN D 13 18.82 1.79 0.73
C DPN D 13 20.28 1.47 0.93
O DPN D 13 20.76 0.40 0.53
CB DPN D 13 17.92 0.62 1.02
CG DPN D 13 16.51 0.86 0.62
CD1 DPN D 13 16.21 1.34 -0.67
CD2 DPN D 13 15.47 0.64 1.51
CE1 DPN D 13 14.88 1.53 -1.08
CE2 DPN D 13 14.14 0.87 1.13
CZ DPN D 13 13.85 1.30 -0.17
N DSN D 14 21.01 2.43 1.54
CA DSN D 14 22.45 2.40 1.81
C DSN D 14 22.92 3.84 1.88
O DSN D 14 22.19 4.69 2.33
CB DSN D 14 22.72 1.78 3.18
OG DSN D 14 22.36 0.42 3.20
N DPN D 15 24.17 4.10 1.50
CA DPN D 15 24.64 5.46 1.52
C DPN D 15 25.96 5.61 2.19
O DPN D 15 26.78 4.66 2.20
CB DPN D 15 24.70 5.99 0.08
CG DPN D 15 23.35 6.08 -0.57
CD1 DPN D 15 22.41 6.98 -0.10
CD2 DPN D 15 23.01 5.22 -1.59
CE1 DPN D 15 21.13 7.05 -0.70
CE2 DPN D 15 21.74 5.27 -2.19
CZ DPN D 15 20.81 6.21 -1.74
N DAL D 16 26.17 6.80 2.78
CA DAL D 16 27.46 7.09 3.40
CB DAL D 16 27.39 8.41 4.11
C DAL D 16 28.47 7.19 2.26
O DAL D 16 28.19 7.87 1.26
N DGL D 17 29.63 6.56 2.42
CA DGL D 17 30.71 6.63 1.43
C DGL D 17 31.72 7.69 1.85
O DGL D 17 32.37 8.33 1.00
CB DGL D 17 31.43 5.27 1.35
CG DGL D 17 32.54 5.26 0.37
CD DGL D 17 33.91 5.43 1.00
OE1 DGL D 17 34.89 5.56 0.23
OE2 DGL D 17 34.03 5.40 2.25
N DGN D 18 31.92 7.84 3.16
CA DGN D 18 32.84 8.82 3.64
C DGN D 18 32.06 10.07 3.95
O DGN D 18 31.01 10.01 4.60
CB DGN D 18 33.54 8.34 4.90
CG DGN D 18 35.03 8.68 4.94
CD DGN D 18 35.81 7.54 5.50
OE1 DGN D 18 36.72 7.02 4.86
NE2 DGN D 18 35.39 7.06 6.67
N DGL D 19 32.60 11.20 3.51
CA DGL D 19 32.02 12.49 3.74
C DGL D 19 31.83 12.76 5.25
O DGL D 19 32.73 12.53 6.06
CB DGL D 19 32.87 13.57 3.11
CG DGL D 19 32.53 14.97 3.56
CD DGL D 19 33.08 16.04 2.65
OE1 DGL D 19 33.76 15.68 1.67
OE2 DGL D 19 32.89 17.22 2.97
N DIL D 20 30.63 13.21 5.60
CA DIL D 20 30.26 13.58 6.95
C DIL D 20 30.62 15.05 7.02
O DIL D 20 30.17 15.80 6.16
CB DIL D 20 28.73 13.41 7.13
CG1 DIL D 20 28.33 11.95 6.99
CG2 DIL D 20 28.25 14.04 8.45
CD1 DIL D 20 26.86 11.73 7.18
N DPR D 21 31.45 15.50 7.98
CA DPR D 21 31.78 16.94 8.03
CB DPR D 21 32.71 17.06 9.24
CG DPR D 21 32.46 15.83 10.06
CD DPR D 21 32.08 14.75 9.08
C DPR D 21 30.53 17.78 8.25
O DPR D 21 29.64 17.38 9.00
N DLE D 22 30.46 18.94 7.56
CA DLE D 22 29.32 19.85 7.65
CB DLE D 22 29.59 21.13 6.87
CG DLE D 22 28.36 21.98 6.59
CD1 DLE D 22 28.56 22.83 5.36
CD2 DLE D 22 27.14 21.14 6.42
C DLE D 22 28.97 20.21 9.08
O DLE D 22 27.79 20.28 9.42
N DAR D 23 29.98 20.38 9.92
CA DAR D 23 29.83 20.74 11.33
CB DAR D 23 31.19 20.85 12.04
CG DAR D 23 32.36 20.08 11.38
CD DAR D 23 33.27 21.03 10.60
NE DAR D 23 32.91 21.21 9.20
CZ DAR D 23 33.77 21.16 8.18
NH1 DAR D 23 33.35 21.37 6.96
NH2 DAR D 23 35.06 20.85 8.39
C DAR D 23 28.90 19.79 12.10
O DAR D 23 28.15 20.22 12.96
N DAL D 24 28.97 18.49 11.79
CA DAL D 24 28.18 17.48 12.46
CB DAL D 24 28.76 16.10 12.18
C DAL D 24 26.71 17.51 12.10
O DAL D 24 25.89 17.09 12.91
N DIL D 25 26.37 17.96 10.89
CA DIL D 25 25.00 17.94 10.37
C DIL D 25 24.08 19.07 10.90
O DIL D 25 24.38 20.24 10.74
CB DIL D 25 24.99 17.84 8.83
CG1 DIL D 25 25.81 16.63 8.36
CG2 DIL D 25 23.56 17.68 8.30
CD1 DIL D 25 26.42 16.80 6.99
N DLE D 26 22.94 18.68 11.48
CA DLE D 26 21.95 19.61 12.01
CB DLE D 26 21.05 18.87 12.99
CG DLE D 26 21.70 18.42 14.30
CD1 DLE D 26 20.63 17.91 15.26
CD2 DLE D 26 22.49 19.56 14.93
C DLE D 26 21.08 20.20 10.91
O DLE D 26 20.81 21.38 10.89
N DCY D 27 20.63 19.32 10.01
CA DCY D 27 19.74 19.66 8.91
C DCY D 27 19.55 18.40 8.10
O DCY D 27 20.08 17.35 8.46
CB DCY D 27 18.38 20.11 9.49
SG DCY D 27 17.67 18.97 10.74
N DTY D 28 18.81 18.48 7.00
CA DTY D 28 18.52 17.28 6.20
C DTY D 28 17.03 17.15 5.91
O DTY D 28 16.24 18.05 6.22
CB DTY D 28 19.31 17.28 4.90
CG DTY D 28 18.77 18.25 3.88
CD1 DTY D 28 17.89 17.83 2.89
CD2 DTY D 28 19.07 19.60 3.98
CE1 DTY D 28 17.35 18.73 1.99
CE2 DTY D 28 18.55 20.49 3.07
CZ DTY D 28 17.70 20.07 2.07
OH DTY D 28 17.19 20.97 1.19
N DAR D 29 16.64 16.05 5.30
CA DAR D 29 15.25 15.79 4.89
CB DAR D 29 14.44 15.11 6.00
CG DAR D 29 15.19 14.04 6.74
CD DAR D 29 15.25 14.36 8.23
NE DAR D 29 14.81 13.20 9.02
CZ DAR D 29 13.81 13.19 9.90
NH1 DAR D 29 13.52 12.05 10.52
NH2 DAR D 29 13.11 14.30 10.17
C DAR D 29 15.30 14.88 3.66
O DAR D 29 16.36 14.32 3.35
N DSG D 30 14.21 14.78 2.94
CA DSG D 30 14.21 13.92 1.77
C DSG D 30 13.76 12.53 2.15
O DSG D 30 13.39 12.28 3.30
CB DSG D 30 13.33 14.49 0.66
CG DSG D 30 13.43 15.99 0.55
OD1 DSG D 30 14.51 16.55 0.27
ND2 DSG D 30 12.35 16.69 0.91
N DTH D 31 13.84 11.61 1.20
CA DTH D 31 13.32 10.27 1.39
CB DTH D 31 14.14 9.23 0.62
CG2 DTH D 31 15.50 9.06 1.28
OG1 DTH D 31 14.33 9.67 -0.74
C DTH D 31 11.88 10.34 0.90
O DTH D 31 11.49 11.38 0.35
N DSN D 32 11.06 9.31 1.12
CA DSN D 32 9.68 9.40 0.68
C DSN D 32 9.65 9.37 -0.83
O DSN D 32 10.58 8.85 -1.44
CB DSN D 32 8.88 8.25 1.24
OG DSN D 32 8.84 8.36 2.66
N DSN D 33 8.64 10.00 -1.44
CA DSN D 33 8.58 9.98 -2.90
C DSN D 33 8.57 8.59 -3.51
O DSN D 33 9.26 8.34 -4.49
CB DSN D 33 7.42 10.79 -3.41
OG DSN D 33 7.80 11.45 -4.60
N DIL D 34 7.84 7.64 -2.90
CA DIL D 34 7.76 6.26 -3.39
C DIL D 34 9.07 5.56 -3.47
O DIL D 34 9.19 4.61 -4.22
CB DIL D 34 6.75 5.44 -2.57
CG1 DIL D 34 6.31 4.20 -3.34
CG2 DIL D 34 7.31 5.06 -1.18
CD1 DIL D 34 5.13 3.56 -2.74
N DCY D 35 10.02 5.94 -2.66
CA DCY D 35 11.32 5.27 -2.70
C DCY D 35 12.34 6.34 -3.02
O DCY D 35 13.10 6.75 -2.14
CB DCY D 35 11.64 4.58 -1.36
SG DCY D 35 11.53 5.69 0.10
N DSN D 36 12.29 6.85 -4.23
CA DSN D 36 13.21 7.88 -4.66
C DSN D 36 14.36 7.21 -5.35
O DSN D 36 14.18 6.63 -6.41
CB DSN D 36 12.54 8.84 -5.63
OG DSN D 36 12.26 10.08 -5.01
N DSG D 37 15.54 7.26 -4.74
CA DSG D 37 16.73 6.71 -5.34
C DSG D 37 17.91 7.65 -5.15
O DSG D 37 19.01 7.23 -4.81
CB DSG D 37 16.98 5.26 -4.90
CG DSG D 37 17.40 5.15 -3.44
OD1 DSG D 37 17.35 6.12 -2.66
ND2 DSG D 37 17.91 3.95 -3.08
N DGL D 38 17.66 8.95 -5.38
CA DGL D 38 18.67 10.01 -5.28
C DGL D 38 19.26 10.11 -3.89
O DGL D 38 20.43 10.49 -3.75
CB DGL D 38 19.77 9.81 -6.33
CG DGL D 38 19.26 9.64 -7.75
CD DGL D 38 19.35 10.92 -8.56
OE1 DGL D 38 19.94 10.88 -9.66
OE2 DGL D 38 18.82 11.96 -8.11
N GLY D 39 18.48 9.79 -2.87
CA GLY D 39 18.94 9.81 -1.48
C GLY D 39 18.37 10.92 -0.63
N DLE D 40 19.10 11.30 0.41
CA DLE D 40 18.62 12.29 1.35
CB DLE D 40 18.95 13.73 0.95
CG DLE D 40 20.37 14.21 0.81
CD1 DLE D 40 20.32 15.54 0.12
CD2 DLE D 40 21.04 14.38 2.14
C DLE D 40 19.12 11.96 2.74
O DLE D 40 20.18 11.35 2.89
N DIL D 41 18.35 12.30 3.74
CA DIL D 41 18.73 11.98 5.11
C DIL D 41 19.40 13.19 5.82
O DIL D 41 18.91 14.33 5.73
CB DIL D 41 17.50 11.42 5.89
CG1 DIL D 41 17.08 10.07 5.29
CG2 DIL D 41 17.80 11.21 7.35
CD1 DIL D 41 15.58 9.96 5.03
N DPN D 42 20.53 12.96 6.49
CA DPN D 42 21.20 14.01 7.26
C DPN D 42 20.93 13.78 8.74
O DPN D 42 21.24 12.70 9.26
CB DPN D 42 22.72 13.95 7.04
CG DPN D 42 23.17 14.62 5.78
CD1 DPN D 42 22.64 15.85 5.41
CD2 DPN D 42 24.10 13.99 4.97
CE1 DPN D 42 23.04 16.47 4.23
CE2 DPN D 42 24.53 14.60 3.80
CZ DPN D 42 23.99 15.85 3.42
N DLY D 43 20.35 14.77 9.42
CA DLY D 43 20.17 14.66 10.86
C DLY D 43 21.45 15.17 11.45
O DLY D 43 21.91 16.25 11.09
CB DLY D 43 19.00 15.49 11.34
CG DLY D 43 18.05 14.69 12.23
CD DLY D 43 17.62 15.47 13.48
CE DLY D 43 18.14 14.80 14.78
NZ DLY D 43 18.59 13.38 14.60
N DLE D 44 22.08 14.39 12.31
CA DLE D 44 23.34 14.81 12.89
CB DLE D 44 24.40 13.71 12.76
CG DLE D 44 24.40 12.86 11.49
CD1 DLE D 44 25.35 11.71 11.67
CD2 DLE D 44 24.76 13.70 10.28
C DLE D 44 23.19 15.30 14.33
O DLE D 44 22.19 14.99 14.98
N DLY D 45 24.18 16.06 14.81
CA DLY D 45 24.24 16.66 16.13
C DLY D 45 23.96 15.71 17.28
O DLY D 45 23.15 16.04 18.14
CB DLY D 45 25.60 17.32 16.36
CG DLY D 45 25.56 18.82 16.61
CD DLY D 45 26.66 19.27 17.57
CE DLY D 45 28.03 19.31 16.89
NZ DLY D 45 29.15 19.74 17.80
N DAR D 46 24.63 14.55 17.32
CA DAR D 46 24.43 13.63 18.44
CB DAR D 46 25.61 12.70 18.65
CG DAR D 46 26.35 12.94 19.95
CD DAR D 46 27.34 14.07 19.79
NE DAR D 46 28.62 13.59 19.27
CZ DAR D 46 29.38 14.24 18.39
NH1 DAR D 46 30.53 13.70 17.99
NH2 DAR D 46 29.00 15.41 17.91
C DAR D 46 23.09 12.90 18.48
O DAR D 46 22.71 12.37 19.54
N GLY D 47 22.35 12.90 17.36
CA GLY D 47 21.05 12.26 17.28
C GLY D 47 20.96 11.17 16.22
N DLY D 48 22.09 10.85 15.57
CA DLY D 48 22.11 9.84 14.52
C DLY D 48 21.58 10.45 13.19
O DLY D 48 21.79 11.64 12.94
CB DLY D 48 23.55 9.35 14.29
CG DLY D 48 24.31 8.99 15.56
CD DLY D 48 25.75 8.53 15.23
CE DLY D 48 25.75 7.18 14.50
NZ DLY D 48 26.28 7.29 13.11
N DGL D 49 20.92 9.63 12.35
CA DGL D 49 20.44 10.10 11.04
C DGL D 49 21.14 9.31 9.92
O DGL D 49 21.00 8.10 9.84
CB DGL D 49 18.92 10.03 10.94
CG DGL D 49 18.19 10.92 11.95
CD DGL D 49 16.96 11.63 11.38
OE1 DGL D 49 16.95 11.97 10.18
OE2 DGL D 49 16.01 11.88 12.14
N DAL D 50 21.96 9.99 9.09
CA DAL D 50 22.72 9.38 8.02
CB DAL D 50 24.16 9.86 8.05
C DAL D 50 22.13 9.61 6.62
O DAL D 50 21.86 10.73 6.23
N DCY D 51 21.99 8.53 5.85
CA DCY D 51 21.54 8.53 4.46
C DCY D 51 22.73 8.85 3.56
O DCY D 51 23.82 8.34 3.79
CB DCY D 51 21.09 7.11 4.09
SG DCY D 51 19.39 6.85 4.47
N DAL D 52 22.52 9.67 2.53
CA DAL D 52 23.58 10.06 1.62
CB DAL D 52 24.18 11.40 2.04
C DAL D 52 23.09 10.12 0.20
O DAL D 52 21.92 10.38 -0.03
N DLE D 53 23.96 9.87 -0.78
CA DLE D 53 23.59 9.92 -2.19
CB DLE D 53 24.43 8.95 -3.01
CG DLE D 53 23.83 8.58 -4.35
CD1 DLE D 53 24.72 7.55 -4.98
CD2 DLE D 53 22.39 8.06 -4.23
C DLE D 53 23.69 11.34 -2.75
O DLE D 53 24.80 11.86 -2.91
N DAS D 54 22.53 11.92 -3.10
CA DAS D 54 22.41 13.29 -3.61
C DAS D 54 23.16 13.61 -4.90
O DAS D 54 23.32 14.78 -5.24
CB DAS D 54 20.96 13.85 -3.52
CG DAS D 54 20.08 13.71 -4.75
OD1 DAS D 54 18.98 13.13 -4.63
OD2 DAS D 54 20.41 14.32 -5.79
N DTH D 55 23.69 12.60 -5.58
CA DTH D 55 24.46 12.81 -6.79
CB DTH D 55 24.27 11.66 -7.81
CG2 DTH D 55 22.81 11.59 -8.25
OG1 DTH D 55 24.63 10.42 -7.21
C DTH D 55 25.95 12.99 -6.43
O DTH D 55 26.74 13.43 -7.26
N DVA D 56 26.32 12.69 -5.17
CA DVA D 56 27.69 12.81 -4.70
CB DVA D 56 27.98 11.84 -3.55
CG1 DVA D 56 29.42 11.94 -3.09
CG2 DVA D 56 27.67 10.40 -3.99
C DVA D 56 28.01 14.25 -4.35
O DVA D 56 27.23 14.93 -3.69
N GLY D 57 29.16 14.70 -4.85
CA GLY D 57 29.64 16.06 -4.68
C GLY D 57 29.53 16.63 -3.29
N DTR D 58 30.17 16.00 -2.30
CA DTR D 58 30.14 16.54 -0.93
CB DTR D 58 31.08 15.78 0.00
CG DTR D 58 30.65 14.38 0.31
CD1 DTR D 58 31.13 13.22 -0.24
NE1 DTR D 58 30.52 12.13 0.35
CE2 DTR D 58 29.67 12.57 1.32
CZ2 DTR D 58 28.86 11.84 2.21
CH2 DTR D 58 28.10 12.54 3.09
CZ3 DTR D 58 28.15 13.95 3.15
CE3 DTR D 58 28.96 14.67 2.29
CD2 DTR D 58 29.73 13.97 1.35
C DTR D 58 28.75 16.62 -0.35
O DTR D 58 28.46 17.57 0.38
N DVA D 59 27.87 15.66 -0.69
CA DVA D 59 26.48 15.62 -0.26
CB DVA D 59 25.82 14.31 -0.73
CG1 DVA D 59 24.33 14.31 -0.42
CG2 DVA D 59 26.51 13.11 -0.10
C DVA D 59 25.75 16.82 -0.82
O DVA D 59 25.14 17.59 -0.07
N DGN D 60 25.83 17.01 -2.15
CA DGN D 60 25.26 18.14 -2.88
C DGN D 60 25.69 19.47 -2.27
O DGN D 60 24.87 20.36 -2.09
CB DGN D 60 25.76 18.10 -4.33
CG DGN D 60 24.83 17.39 -5.31
CD DGN D 60 25.53 17.07 -6.61
OE1 DGN D 60 26.44 17.78 -7.06
NE2 DGN D 60 25.12 15.97 -7.23
N DAR D 61 27.01 19.59 -1.96
CA DAR D 61 27.58 20.79 -1.36
CB DAR D 61 29.09 20.64 -1.25
CG DAR D 61 29.82 20.77 -2.58
CD DAR D 61 31.24 21.25 -2.35
NE DAR D 61 31.98 20.40 -1.43
CZ DAR D 61 32.49 19.21 -1.75
NH1 DAR D 61 32.35 18.71 -2.97
NH2 DAR D 61 33.15 18.51 -0.82
C DAR D 61 27.00 21.07 0.02
O DAR D 61 26.59 22.20 0.31
N DHI D 62 26.97 20.03 0.89
CA DHI D 62 26.42 20.09 2.24
C DHI D 62 24.97 20.51 2.21
O DHI D 62 24.55 21.35 3.00
CB DHI D 62 26.51 18.72 2.88
CG DHI D 62 27.88 18.42 3.39
ND1 DHI D 62 29.03 18.90 2.78
CD2 DHI D 62 28.31 17.71 4.47
CE1 DHI D 62 30.08 18.51 3.46
NE2 DHI D 62 29.68 17.79 4.50
N DAR D 63 24.20 19.93 1.28
CA DAR D 63 22.80 20.26 1.11
CB DAR D 63 22.19 19.42 -0.01
CG DAR D 63 20.70 19.62 -0.17
CD DAR D 63 20.18 18.99 -1.45
NE DAR D 63 18.75 18.69 -1.30
CZ DAR D 63 17.78 19.59 -1.37
NH1 DAR D 63 16.52 19.21 -1.20
NH2 DAR D 63 18.05 20.87 -1.64
C DAR D 63 22.61 21.77 0.86
O DAR D 63 21.69 22.34 1.42
N DLY D 64 23.49 22.41 0.06
CA DLY D 64 23.36 23.85 -0.21
C DLY D 64 23.58 24.71 1.04
O DLY D 64 22.97 25.78 1.18
CB DLY D 64 24.33 24.29 -1.32
CG DLY D 64 24.23 23.46 -2.60
CD DLY D 64 22.85 23.54 -3.25
CE DLY D 64 22.95 24.14 -4.65
NZ DLY D 64 22.46 25.55 -4.70
N MED D 65 24.45 24.25 1.96
CA MED D 65 24.78 24.93 3.22
C MED D 65 23.91 24.44 4.40
O MED D 65 24.25 24.70 5.56
CB MED D 65 26.28 24.76 3.50
CG MED D 65 27.18 25.33 2.41
SD MED D 65 28.75 24.43 2.29
CE MED D 65 29.34 25.02 0.68
N DLE D 66 22.79 23.75 4.12
CA DLE D 66 21.90 23.20 5.16
CB DLE D 66 21.97 21.67 5.19
CG DLE D 66 23.18 21.01 5.87
CD1 DLE D 66 23.29 19.52 5.53
CD2 DLE D 66 23.15 21.22 7.38
C DLE D 66 20.45 23.59 4.91
O DLE D 66 20.07 24.02 3.81
N DAR D 67 19.61 23.37 5.93
CA DAR D 67 18.18 23.55 5.84
CB DAR D 67 17.70 24.57 6.89
CG DAR D 67 18.20 25.98 6.65
CD DAR D 67 17.16 26.98 7.08
NE DAR D 67 17.73 28.31 7.33
CZ DAR D 67 18.20 29.13 6.38
NH1 DAR D 67 18.14 28.78 5.10
NH2 DAR D 67 18.71 30.31 6.71
C DAR D 67 17.50 22.21 6.10
O DAR D 67 18.11 21.31 6.70
N DHI D 68 16.25 22.08 5.67
CA DHI D 68 15.38 20.94 5.87
C DHI D 68 15.03 20.88 7.34
O DHI D 68 14.69 21.89 7.92
CB DHI D 68 14.07 21.15 5.10
CG DHI D 68 14.13 20.73 3.66
ND1 DHI D 68 14.41 21.60 2.63
CD2 DHI D 68 13.91 19.52 3.08
CE1 DHI D 68 14.34 20.95 1.48
NE2 DHI D 68 14.06 19.69 1.72
N DCY D 69 15.08 19.71 7.95
CA DCY D 69 14.72 19.52 9.35
C DCY D 69 13.26 19.89 9.54
O DCY D 69 12.41 19.53 8.73
CB DCY D 69 14.83 18.04 9.75
SG DCY D 69 16.50 17.36 9.67
N DPR D 70 12.92 20.56 10.64
CA DPR D 70 11.50 20.81 10.91
CB DPR D 70 11.54 21.96 11.90
CG DPR D 70 12.83 21.79 12.63
CD DPR D 70 13.77 21.04 11.74
C DPR D 70 10.95 19.54 11.57
O DPR D 70 11.66 18.57 11.76
N DSN D 71 9.68 19.54 11.92
CA DSN D 71 9.07 18.39 12.56
C DSN D 71 7.98 18.91 13.46
O DSN D 71 7.44 19.97 13.18
CB DSN D 71 8.43 17.50 11.49
OG DSN D 71 7.19 18.05 11.09
N DLY D 72 7.62 18.15 14.50
CA DLY D 72 6.55 18.58 15.40
C DLY D 72 5.20 18.53 14.67
O DLY D 72 5.03 17.74 13.74
CB DLY D 72 6.51 17.69 16.65
CG DLY D 72 7.82 17.59 17.40
CD DLY D 72 7.67 18.10 18.82
CE DLY D 72 9.04 18.47 19.37
NZ DLY D 72 8.95 19.14 20.69
N DAR D 73 4.28 19.41 15.05
CA DAR D 73 2.96 19.48 14.46
CB DAR D 73 2.36 20.89 14.64
CG DAR D 73 3.01 21.97 13.81
CD DAR D 73 3.29 21.50 12.39
NE DAR D 73 3.66 22.60 11.48
CZ DAR D 73 2.94 23.01 10.45
NH1 DAR D 73 1.78 22.42 10.15
NH2 DAR D 73 3.38 24.00 9.68
C DAR D 73 2.02 18.43 15.07
O DAR D 73 1.99 18.28 16.30
C1 NAG E . -9.05 8.84 -12.84
C2 NAG E . -10.58 9.21 -12.96
C3 NAG E . -10.75 10.76 -13.12
C4 NAG E . -9.82 11.63 -12.23
C5 NAG E . -8.35 11.08 -12.24
C6 NAG E . -7.45 11.82 -11.21
C7 NAG E . -11.84 7.32 -14.13
C8 NAG E . -12.29 6.93 -15.51
N2 NAG E . -11.17 8.53 -14.14
O3 NAG E . -12.13 11.14 -12.93
O4 NAG E . -9.84 13.02 -12.66
O5 NAG E . -8.36 9.66 -11.91
O6 NAG E . -6.04 11.51 -11.32
O7 NAG E . -12.06 6.64 -13.12
S SO4 F . -15.87 3.83 -9.99
O1 SO4 F . -15.90 4.44 -8.67
O2 SO4 F . -16.83 4.53 -10.85
O3 SO4 F . -14.52 3.97 -10.56
O4 SO4 F . -16.24 2.40 -9.85
S SO4 G . 10.95 8.88 -10.18
O1 SO4 G . 11.26 10.19 -10.79
O2 SO4 G . 9.51 8.76 -10.00
O3 SO4 G . 11.47 7.80 -11.01
O4 SO4 G . 11.56 8.79 -8.84
S SO4 H . -10.83 -8.13 -12.34
O1 SO4 H . -12.16 -8.43 -12.91
O2 SO4 H . -10.11 -9.36 -11.97
O3 SO4 H . -9.99 -7.31 -13.30
O4 SO4 H . -11.08 -7.39 -11.15
S SO4 I . -7.18 7.04 -22.91
O1 SO4 I . -6.89 7.79 -24.15
O2 SO4 I . -8.33 7.67 -22.23
O3 SO4 I . -7.52 5.63 -23.25
O4 SO4 I . -6.00 7.08 -22.04
S SO4 J . 10.81 7.55 -17.00
O1 SO4 J . 11.20 7.39 -15.59
O2 SO4 J . 9.47 8.11 -17.07
O3 SO4 J . 11.70 8.46 -17.73
O4 SO4 J . 10.83 6.20 -17.67
S SO4 K . -19.91 0.94 -4.96
O1 SO4 K . -19.02 1.99 -5.48
O2 SO4 K . -19.59 0.66 -3.54
O3 SO4 K . -21.31 1.41 -5.10
O4 SO4 K . -19.76 -0.30 -5.75
S SO4 L . 11.26 1.10 -21.98
O1 SO4 L . 12.42 0.55 -22.69
O2 SO4 L . 11.48 2.51 -21.70
O3 SO4 L . 10.06 0.96 -22.82
O4 SO4 L . 11.05 0.35 -20.72
S SO4 M . -2.35 -5.98 -0.46
O1 SO4 M . -0.95 -6.34 -0.13
O2 SO4 M . -2.64 -4.58 -0.07
O3 SO4 M . -2.54 -6.13 -1.93
O4 SO4 M . -3.25 -6.89 0.27
C1 NAG N . -13.17 -16.51 3.12
C2 NAG N . -11.64 -16.77 3.42
C3 NAG N . -11.50 -17.57 4.76
C4 NAG N . -12.43 -17.11 5.92
C5 NAG N . -13.88 -16.88 5.39
C6 NAG N . -14.82 -16.28 6.47
C7 NAG N . -10.34 -17.01 1.24
C8 NAG N . -9.88 -18.10 0.30
N2 NAG N . -11.03 -17.54 2.31
O3 NAG N . -10.12 -17.60 5.20
O4 NAG N . -12.42 -18.09 7.00
O5 NAG N . -13.85 -15.97 4.26
O6 NAG N . -16.22 -16.28 6.11
O7 NAG N . -10.12 -15.80 1.06
S SO4 O . -10.68 -13.13 -19.68
O1 SO4 O . -10.76 -11.69 -19.41
O2 SO4 O . -10.39 -13.84 -18.43
O3 SO4 O . -11.96 -13.59 -20.23
O4 SO4 O . -9.59 -13.40 -20.64
S SO4 P . -8.58 -14.26 -12.81
O1 SO4 P . -7.44 -14.64 -11.99
O2 SO4 P . -9.13 -12.98 -12.34
O3 SO4 P . -8.13 -14.11 -14.21
O4 SO4 P . -9.63 -15.27 -12.74
S SO4 Q . -5.95 -11.66 -0.02
O1 SO4 Q . -4.49 -11.67 0.15
O2 SO4 Q . -6.52 -10.65 0.86
O3 SO4 Q . -6.28 -11.32 -1.41
O4 SO4 Q . -6.47 -12.98 0.34
S SO4 R . -33.11 -14.31 4.06
O1 SO4 R . -31.71 -14.01 3.87
O2 SO4 R . -33.28 -15.20 5.21
O3 SO4 R . -33.82 -13.03 4.27
O4 SO4 R . -33.67 -14.96 2.86
S SO4 S . -14.97 -24.68 -2.78
O1 SO4 S . -13.87 -24.22 -1.94
O2 SO4 S . -16.22 -24.00 -2.37
O3 SO4 S . -14.65 -24.40 -4.20
O4 SO4 S . -15.13 -26.14 -2.58
S SO4 T . -33.01 -19.78 -0.24
O1 SO4 T . -31.62 -20.18 0.02
O2 SO4 T . -33.30 -18.54 0.49
O3 SO4 T . -33.21 -19.54 -1.70
O4 SO4 T . -33.89 -20.87 0.21
S SO4 U . -33.29 -21.15 -8.17
O1 SO4 U . -33.64 -20.24 -7.07
O2 SO4 U . -34.09 -20.80 -9.35
O3 SO4 U . -33.58 -22.55 -7.79
O4 SO4 U . -31.88 -21.03 -8.47
S SO4 V . 11.24 14.55 21.72
O1 SO4 V . 10.06 14.17 20.93
O2 SO4 V . 12.48 14.09 21.04
O3 SO4 V . 11.15 13.94 23.05
O4 SO4 V . 11.28 16.01 21.89
S SO4 W . 16.79 -3.36 10.63
O1 SO4 W . 16.65 -4.82 10.64
O2 SO4 W . 18.22 -3.01 10.77
O3 SO4 W . 16.03 -2.81 11.76
O4 SO4 W . 16.29 -2.82 9.37
S SO4 X . 13.52 7.93 18.96
O1 SO4 X . 12.51 7.60 17.95
O2 SO4 X . 14.76 7.17 18.72
O3 SO4 X . 12.97 7.58 20.27
O4 SO4 X . 13.81 9.38 18.96
S SO4 Y . -10.92 -5.82 18.09
O1 SO4 Y . -10.26 -4.51 18.36
O2 SO4 Y . -11.97 -6.04 19.09
O3 SO4 Y . -11.54 -5.81 16.74
O4 SO4 Y . -9.92 -6.91 18.18
S SO4 Z . 11.97 -1.39 15.33
O1 SO4 Z . 12.75 -0.17 15.63
O2 SO4 Z . 10.86 -1.54 16.27
O3 SO4 Z . 11.45 -1.29 13.98
O4 SO4 Z . 12.85 -2.57 15.41
S SO4 AA . 1.61 -3.13 31.44
O1 SO4 AA . 1.58 -3.64 32.81
O2 SO4 AA . 0.23 -2.91 30.96
O3 SO4 AA . 2.33 -1.86 31.44
O4 SO4 AA . 2.30 -4.10 30.58
S SO4 BA . 7.41 -6.11 23.96
O1 SO4 BA . 7.17 -6.61 25.32
O2 SO4 BA . 8.60 -6.77 23.42
O3 SO4 BA . 6.23 -6.44 23.10
O4 SO4 BA . 7.63 -4.66 24.00
C1 CIT CA . -9.65 -12.54 10.24
O1 CIT CA . -8.79 -12.64 9.36
O2 CIT CA . -9.48 -13.22 11.40
C2 CIT CA . -10.89 -11.66 10.07
C3 CIT CA . -10.58 -10.19 10.34
O7 CIT CA . -10.07 -10.19 11.67
C4 CIT CA . -11.84 -9.29 10.42
C5 CIT CA . -11.66 -8.00 11.26
O3 CIT CA . -11.68 -6.87 10.79
O4 CIT CA . -11.49 -8.11 12.59
C6 CIT CA . -9.58 -9.60 9.27
O5 CIT CA . -9.14 -8.49 9.49
O6 CIT CA . -9.19 -10.24 8.10
S SO4 DA . 9.02 14.81 14.77
O1 SO4 DA . 7.79 14.84 13.95
O2 SO4 DA . 10.06 14.04 14.07
O3 SO4 DA . 8.72 14.21 16.09
O4 SO4 DA . 9.51 16.17 14.97
S SO4 EA . 11.66 9.81 12.43
O1 SO4 EA . 13.12 9.75 12.55
O2 SO4 EA . 11.19 11.05 13.07
O3 SO4 EA . 11.27 9.85 11.00
O4 SO4 EA . 11.04 8.62 13.11
S SO4 FA . 10.78 15.70 4.35
O1 SO4 FA . 9.38 16.15 4.52
O2 SO4 FA . 10.76 14.40 3.67
O3 SO4 FA . 11.52 16.68 3.54
O4 SO4 FA . 11.41 15.55 5.67
S SO4 GA . 33.51 20.37 2.21
O1 SO4 GA . 32.83 20.05 3.48
O2 SO4 GA . 34.14 19.16 1.65
O3 SO4 GA . 32.55 20.94 1.24
O4 SO4 GA . 34.56 21.36 2.48
S SO4 HA . 14.96 25.55 4.23
O1 SO4 HA . 15.02 27.01 4.34
O2 SO4 HA . 14.79 24.97 5.57
O3 SO4 HA . 13.82 25.19 3.39
O4 SO4 HA . 16.21 25.06 3.60
C1 CIT IA . 34.42 15.18 -2.67
O1 CIT IA . 34.68 14.69 -1.57
O2 CIT IA . 33.92 16.41 -2.76
C2 CIT IA . 34.65 14.43 -3.98
C3 CIT IA . 33.48 14.58 -5.01
O7 CIT IA . 32.28 14.42 -4.20
C4 CIT IA . 33.54 13.45 -6.09
C5 CIT IA . 32.16 13.08 -6.59
O3 CIT IA . 31.59 12.21 -6.01
O4 CIT IA . 31.56 13.73 -7.63
C6 CIT IA . 33.51 15.91 -5.80
O5 CIT IA . 34.33 16.75 -5.54
O6 CIT IA . 32.63 16.19 -6.80
#